data_2GVO
#
_entry.id   2GVO
#
_cell.length_a   1.000
_cell.length_b   1.000
_cell.length_c   1.000
_cell.angle_alpha   90.00
_cell.angle_beta   90.00
_cell.angle_gamma   90.00
#
_symmetry.space_group_name_H-M   'P 1'
#
_entity_poly.entity_id   1
_entity_poly.type   'polyribonucleotide'
_entity_poly.pdbx_seq_one_letter_code
;GAGGUCGGGAUGGAUCUC
;
_entity_poly.pdbx_strand_id   A
#